data_9G0D
#
_entry.id   9G0D
#
_cell.length_a   53.770
_cell.length_b   49.650
_cell.length_c   79.330
_cell.angle_alpha   90.00
_cell.angle_beta   98.54
_cell.angle_gamma   90.00
#
_symmetry.space_group_name_H-M   'P 1 21 1'
#
loop_
_entity.id
_entity.type
_entity.pdbx_description
1 polymer '[F-actin]-monooxygenase MICAL1'
2 polymer 'Ras-related protein Rab-10'
3 non-polymer 'PHOSPHOAMINOPHOSPHONIC ACID-GUANYLATE ESTER'
4 non-polymer 'MAGNESIUM ION'
5 water water
#
loop_
_entity_poly.entity_id
_entity_poly.type
_entity_poly.pdbx_seq_one_letter_code
_entity_poly.pdbx_strand_id
1 'polypeptide(L)'
;GHMKEEEMKRFCKAQTIQRRLNEIEAALRELEAEGVKLELALRRQSSSPEQQKKLWVGQLLQLADKKNSLVAEEAELMIT
VQELNLEEKQWQLDQELRGYMNREENLKTAADRQAEDQVLRKLVDLVNQRDALIRFQEERRLSELALGTGAQG
;
B
2 'polypeptide(L)'
;GHMAKKTYDLLFKLLLIGDSGVGKTCVLFRFSDDAFNTTFISTIGIDFKIKTVELQGKKIKLQIWDTAGQERFHTITTSY
YRGAMGIMLVYDITNGKSFENISKWLRNIDEHANEDVERMLLGNKCDMDDKRVVPKGKGEQIAREHGIRFFETSAKANIN
IEKAFLTLAEDILRKTP
;
C
#
# COMPACT_ATOMS: atom_id res chain seq x y z
N MET A 3 -4.75 -15.71 -8.16
CA MET A 3 -3.32 -15.94 -8.06
C MET A 3 -2.91 -16.54 -6.73
N LYS A 4 -2.74 -17.86 -6.70
CA LYS A 4 -1.93 -18.47 -5.66
C LYS A 4 -0.45 -18.37 -5.96
N GLU A 5 -0.11 -17.83 -7.14
CA GLU A 5 1.23 -17.32 -7.38
C GLU A 5 1.71 -16.48 -6.21
N GLU A 6 0.82 -15.71 -5.60
CA GLU A 6 1.29 -14.77 -4.59
C GLU A 6 1.63 -15.45 -3.27
N GLU A 7 1.00 -16.58 -2.94
CA GLU A 7 1.45 -17.34 -1.78
C GLU A 7 2.89 -17.81 -1.97
N MET A 8 3.23 -18.35 -3.14
CA MET A 8 4.59 -18.86 -3.36
C MET A 8 5.59 -17.72 -3.45
N LYS A 9 5.22 -16.61 -4.09
CA LYS A 9 6.12 -15.48 -4.19
C LYS A 9 6.41 -14.89 -2.80
N ARG A 10 5.38 -14.83 -1.94
CA ARG A 10 5.57 -14.30 -0.59
C ARG A 10 6.51 -15.19 0.23
N PHE A 11 6.36 -16.51 0.10
CA PHE A 11 7.24 -17.45 0.80
C PHE A 11 8.69 -17.33 0.33
N CYS A 12 8.91 -17.20 -0.98
CA CYS A 12 10.27 -17.13 -1.50
C CYS A 12 10.94 -15.83 -1.10
N LYS A 13 10.20 -14.72 -1.16
CA LYS A 13 10.73 -13.44 -0.71
C LYS A 13 11.11 -13.49 0.76
N ALA A 14 10.31 -14.20 1.57
CA ALA A 14 10.62 -14.35 2.99
C ALA A 14 11.90 -15.17 3.21
N GLN A 15 12.08 -16.25 2.44
CA GLN A 15 13.30 -17.04 2.59
C GLN A 15 14.52 -16.23 2.16
N THR A 16 14.39 -15.49 1.06
CA THR A 16 15.45 -14.62 0.57
C THR A 16 15.86 -13.59 1.61
N ILE A 17 14.89 -12.93 2.23
CA ILE A 17 15.21 -11.93 3.23
C ILE A 17 15.88 -12.56 4.44
N GLN A 18 15.39 -13.72 4.89
CA GLN A 18 16.05 -14.41 6.01
C GLN A 18 17.51 -14.71 5.69
N ARG A 19 17.80 -15.13 4.46
CA ARG A 19 19.18 -15.43 4.10
C ARG A 19 20.04 -14.18 4.19
N ARG A 20 19.53 -13.05 3.69
CA ARG A 20 20.28 -11.80 3.78
C ARG A 20 20.47 -11.36 5.22
N LEU A 21 19.44 -11.54 6.06
CA LEU A 21 19.56 -11.21 7.48
C LEU A 21 20.65 -12.03 8.15
N ASN A 22 20.74 -13.32 7.80
CA ASN A 22 21.82 -14.15 8.36
C ASN A 22 23.19 -13.65 7.93
N GLU A 23 23.31 -13.18 6.68
CA GLU A 23 24.61 -12.66 6.21
C GLU A 23 25.00 -11.35 6.88
N ILE A 24 24.01 -10.49 7.16
CA ILE A 24 24.30 -9.22 7.82
C ILE A 24 24.71 -9.45 9.26
N GLU A 25 24.04 -10.39 9.94
CA GLU A 25 24.40 -10.70 11.31
C GLU A 25 25.83 -11.20 11.43
N ALA A 26 26.24 -12.10 10.51
CA ALA A 26 27.64 -12.56 10.52
C ALA A 26 28.60 -11.40 10.24
N ALA A 27 28.25 -10.54 9.28
CA ALA A 27 29.17 -9.47 8.88
C ALA A 27 29.32 -8.44 10.00
N LEU A 28 28.25 -8.15 10.73
CA LEU A 28 28.38 -7.23 11.85
C LEU A 28 29.22 -7.81 12.97
N ARG A 29 29.09 -9.13 13.21
CA ARG A 29 29.94 -9.78 14.20
C ARG A 29 31.42 -9.63 13.85
N GLU A 30 31.77 -9.94 12.60
CA GLU A 30 33.16 -9.79 12.14
C GLU A 30 33.62 -8.34 12.27
N LEU A 31 32.77 -7.40 11.87
CA LEU A 31 33.13 -5.99 11.86
C LEU A 31 33.43 -5.49 13.27
N GLU A 32 32.63 -5.91 14.25
CA GLU A 32 32.84 -5.46 15.62
C GLU A 32 34.14 -6.01 16.20
N ALA A 33 34.51 -7.24 15.82
CA ALA A 33 35.76 -7.81 16.30
C ALA A 33 36.95 -7.09 15.68
N GLU A 34 36.90 -6.84 14.37
CA GLU A 34 37.93 -6.07 13.71
C GLU A 34 38.06 -4.68 14.33
N GLY A 35 36.93 -4.04 14.64
CA GLY A 35 36.97 -2.73 15.26
C GLY A 35 37.64 -2.76 16.63
N VAL A 36 37.28 -3.75 17.46
CA VAL A 36 37.88 -3.92 18.77
C VAL A 36 39.39 -4.09 18.66
N LYS A 37 39.83 -4.85 17.64
CA LYS A 37 41.26 -5.12 17.47
C LYS A 37 42.01 -3.85 17.11
N LEU A 38 41.48 -3.04 16.18
CA LEU A 38 42.20 -1.85 15.73
C LEU A 38 42.21 -0.77 16.80
N GLU A 39 41.15 -0.69 17.63
CA GLU A 39 41.15 0.30 18.69
C GLU A 39 42.07 -0.10 19.85
N LEU A 40 42.32 -1.40 20.04
CA LEU A 40 43.36 -1.83 20.97
C LEU A 40 44.73 -1.51 20.42
N ALA A 41 44.92 -1.65 19.11
CA ALA A 41 46.20 -1.36 18.49
C ALA A 41 46.55 0.12 18.64
N LEU A 42 45.58 1.00 18.38
CA LEU A 42 45.82 2.44 18.44
C LEU A 42 46.18 2.89 19.85
N ARG A 43 45.59 2.27 20.87
CA ARG A 43 45.85 2.69 22.24
C ARG A 43 47.12 2.06 22.80
N ARG A 44 47.34 0.78 22.51
CA ARG A 44 48.54 0.11 23.00
C ARG A 44 49.79 0.70 22.37
N GLN A 45 49.79 0.88 21.05
CA GLN A 45 50.92 1.47 20.34
C GLN A 45 50.85 2.99 20.32
N SER A 46 50.59 3.56 21.49
CA SER A 46 50.62 4.99 21.79
C SER A 46 51.91 5.72 21.41
N SER A 47 52.56 5.29 20.33
CA SER A 47 53.97 5.59 20.17
C SER A 47 54.48 5.33 18.78
N SER A 48 53.72 4.59 18.00
CA SER A 48 54.14 4.09 16.70
C SER A 48 54.05 5.20 15.66
N PRO A 49 54.59 4.97 14.46
CA PRO A 49 54.50 5.97 13.38
C PRO A 49 53.13 6.58 13.20
N GLU A 50 53.10 7.91 13.11
CA GLU A 50 51.85 8.61 12.80
C GLU A 50 51.24 8.14 11.50
N GLN A 51 52.06 7.71 10.53
CA GLN A 51 51.51 7.20 9.28
C GLN A 51 50.66 5.95 9.51
N GLN A 52 51.16 5.01 10.34
CA GLN A 52 50.43 3.79 10.62
C GLN A 52 49.21 4.04 11.50
N LYS A 53 49.30 5.04 12.39
CA LYS A 53 48.15 5.41 13.20
C LYS A 53 47.03 5.96 12.33
N LYS A 54 47.34 6.92 11.44
CA LYS A 54 46.30 7.44 10.57
C LYS A 54 45.78 6.40 9.59
N LEU A 55 46.57 5.37 9.26
CA LEU A 55 46.01 4.27 8.47
C LEU A 55 45.03 3.46 9.31
N TRP A 56 45.28 3.30 10.61
CA TRP A 56 44.34 2.61 11.48
C TRP A 56 43.07 3.42 11.71
N VAL A 57 43.18 4.74 11.93
CA VAL A 57 41.97 5.54 12.07
C VAL A 57 41.20 5.55 10.75
N GLY A 58 41.91 5.58 9.62
CA GLY A 58 41.24 5.41 8.34
C GLY A 58 40.48 4.09 8.24
N GLN A 59 41.06 3.01 8.76
CA GLN A 59 40.40 1.72 8.70
C GLN A 59 39.22 1.64 9.67
N LEU A 60 39.27 2.38 10.78
CA LEU A 60 38.10 2.40 11.66
C LEU A 60 36.99 3.29 11.10
N LEU A 61 37.33 4.26 10.26
CA LEU A 61 36.29 5.08 9.65
C LEU A 61 35.58 4.34 8.53
N GLN A 62 36.32 3.56 7.73
CA GLN A 62 35.65 2.72 6.74
C GLN A 62 34.80 1.63 7.40
N LEU A 63 35.27 1.06 8.52
CA LEU A 63 34.45 0.10 9.27
C LEU A 63 33.18 0.77 9.78
N ALA A 64 33.30 2.02 10.24
CA ALA A 64 32.15 2.75 10.77
C ALA A 64 31.06 2.94 9.72
N ASP A 65 31.46 3.32 8.50
CA ASP A 65 30.46 3.48 7.44
C ASP A 65 29.87 2.15 7.00
N LYS A 66 30.68 1.08 6.96
CA LYS A 66 30.14 -0.22 6.58
C LYS A 66 29.13 -0.70 7.61
N LYS A 67 29.39 -0.44 8.89
CA LYS A 67 28.43 -0.83 9.93
C LYS A 67 27.13 -0.07 9.78
N ASN A 68 27.20 1.26 9.58
CA ASN A 68 25.98 2.03 9.46
C ASN A 68 25.13 1.53 8.29
N SER A 69 25.77 1.27 7.16
CA SER A 69 25.08 0.70 6.01
C SER A 69 24.40 -0.61 6.38
N LEU A 70 25.15 -1.54 7.00
CA LEU A 70 24.58 -2.84 7.36
C LEU A 70 23.43 -2.70 8.34
N VAL A 71 23.58 -1.84 9.36
CA VAL A 71 22.55 -1.70 10.38
C VAL A 71 21.27 -1.10 9.80
N ALA A 72 21.42 -0.14 8.88
CA ALA A 72 20.26 0.46 8.23
C ALA A 72 19.59 -0.52 7.29
N GLU A 73 20.36 -1.31 6.54
CA GLU A 73 19.77 -2.35 5.72
C GLU A 73 19.00 -3.36 6.57
N GLU A 74 19.60 -3.78 7.69
CA GLU A 74 18.96 -4.72 8.60
C GLU A 74 17.64 -4.16 9.14
N ALA A 75 17.60 -2.86 9.46
CA ALA A 75 16.37 -2.28 10.00
C ALA A 75 15.25 -2.34 8.98
N GLU A 76 15.55 -2.03 7.72
CA GLU A 76 14.55 -2.12 6.66
C GLU A 76 14.04 -3.54 6.49
N LEU A 77 14.95 -4.52 6.49
CA LEU A 77 14.54 -5.91 6.26
C LEU A 77 13.70 -6.45 7.40
N MET A 78 13.97 -6.00 8.63
CA MET A 78 13.19 -6.49 9.77
C MET A 78 11.73 -6.02 9.68
N ILE A 79 11.50 -4.83 9.14
CA ILE A 79 10.12 -4.40 8.94
C ILE A 79 9.48 -5.20 7.83
N THR A 80 10.21 -5.47 6.74
CA THR A 80 9.66 -6.26 5.65
C THR A 80 9.27 -7.67 6.11
N VAL A 81 10.06 -8.28 7.00
CA VAL A 81 9.71 -9.60 7.51
C VAL A 81 8.34 -9.56 8.19
N GLN A 82 8.10 -8.55 9.03
CA GLN A 82 6.83 -8.47 9.73
C GLN A 82 5.68 -8.17 8.77
N GLU A 83 5.94 -7.39 7.71
CA GLU A 83 4.91 -7.13 6.70
C GLU A 83 4.51 -8.41 6.01
N LEU A 84 5.48 -9.21 5.58
CA LEU A 84 5.14 -10.48 4.94
C LEU A 84 4.46 -11.43 5.91
N ASN A 85 4.82 -11.38 7.19
CA ASN A 85 4.16 -12.25 8.16
C ASN A 85 2.68 -11.85 8.31
N LEU A 86 2.40 -10.55 8.34
CA LEU A 86 1.02 -10.10 8.42
C LEU A 86 0.26 -10.41 7.15
N GLU A 87 0.89 -10.20 5.99
CA GLU A 87 0.23 -10.49 4.72
C GLU A 87 -0.15 -11.96 4.62
N GLU A 88 0.71 -12.86 5.13
CA GLU A 88 0.38 -14.27 5.12
C GLU A 88 -0.79 -14.58 6.06
N LYS A 89 -0.82 -13.97 7.25
CA LYS A 89 -1.98 -14.21 8.12
C LYS A 89 -3.26 -13.65 7.52
N GLN A 90 -3.17 -12.48 6.89
CA GLN A 90 -4.35 -11.90 6.24
C GLN A 90 -4.87 -12.81 5.15
N TRP A 91 -3.96 -13.39 4.36
CA TRP A 91 -4.33 -14.33 3.32
C TRP A 91 -4.99 -15.60 3.89
N GLN A 92 -4.60 -16.00 5.10
CA GLN A 92 -5.21 -17.19 5.69
C GLN A 92 -6.65 -16.95 6.12
N LEU A 93 -6.91 -15.76 6.67
CA LEU A 93 -8.29 -15.44 7.07
C LEU A 93 -9.17 -15.18 5.87
N ASP A 94 -8.64 -14.48 4.85
CA ASP A 94 -9.36 -14.28 3.60
C ASP A 94 -9.88 -15.60 3.03
N GLN A 95 -9.03 -16.65 3.02
CA GLN A 95 -9.46 -17.93 2.45
C GLN A 95 -10.51 -18.60 3.31
N GLU A 96 -10.36 -18.54 4.63
CA GLU A 96 -11.34 -19.10 5.53
C GLU A 96 -12.69 -18.38 5.38
N LEU A 97 -12.67 -17.05 5.38
CA LEU A 97 -13.91 -16.29 5.23
C LEU A 97 -14.55 -16.51 3.86
N ARG A 98 -13.73 -16.57 2.81
CA ARG A 98 -14.29 -16.93 1.51
C ARG A 98 -14.95 -18.30 1.53
N GLY A 99 -14.46 -19.23 2.36
CA GLY A 99 -15.12 -20.51 2.50
C GLY A 99 -16.52 -20.37 3.09
N TYR A 100 -16.63 -19.61 4.20
CA TYR A 100 -17.94 -19.38 4.82
C TYR A 100 -18.91 -18.71 3.86
N MET A 101 -18.44 -17.73 3.08
CA MET A 101 -19.32 -16.92 2.26
C MET A 101 -19.84 -17.67 1.04
N ASN A 102 -19.12 -18.68 0.58
CA ASN A 102 -19.56 -19.44 -0.59
C ASN A 102 -20.49 -20.60 -0.23
N ARG A 103 -20.99 -20.64 1.00
CA ARG A 103 -21.94 -21.67 1.40
C ARG A 103 -23.35 -21.09 1.47
N GLU A 104 -24.33 -21.91 1.12
CA GLU A 104 -25.69 -21.42 1.06
C GLU A 104 -26.18 -21.00 2.44
N GLU A 105 -26.92 -19.90 2.50
CA GLU A 105 -27.27 -19.32 3.80
C GLU A 105 -28.29 -20.18 4.53
N ASN A 106 -29.14 -20.91 3.79
CA ASN A 106 -30.07 -21.87 4.35
C ASN A 106 -29.38 -22.90 5.23
N LEU A 107 -28.12 -23.22 4.94
CA LEU A 107 -27.41 -24.31 5.58
C LEU A 107 -26.51 -23.85 6.73
N LYS A 108 -26.55 -22.57 7.11
CA LYS A 108 -25.67 -22.03 8.13
C LYS A 108 -26.39 -21.99 9.48
N THR A 109 -25.81 -22.65 10.47
CA THR A 109 -26.30 -22.57 11.84
C THR A 109 -25.98 -21.22 12.44
N ALA A 110 -26.54 -20.97 13.63
CA ALA A 110 -26.23 -19.73 14.33
C ALA A 110 -24.75 -19.65 14.69
N ALA A 111 -24.15 -20.81 15.04
CA ALA A 111 -22.72 -20.82 15.35
C ALA A 111 -21.88 -20.55 14.11
N ASP A 112 -22.34 -21.00 12.94
CA ASP A 112 -21.62 -20.69 11.70
C ASP A 112 -21.61 -19.20 11.43
N ARG A 113 -22.75 -18.53 11.61
CA ARG A 113 -22.81 -17.11 11.31
C ARG A 113 -21.98 -16.30 12.29
N GLN A 114 -21.95 -16.74 13.55
CA GLN A 114 -21.11 -16.06 14.52
C GLN A 114 -19.63 -16.28 14.22
N ALA A 115 -19.25 -17.48 13.76
CA ALA A 115 -17.87 -17.73 13.37
C ALA A 115 -17.46 -16.85 12.18
N GLU A 116 -18.34 -16.76 11.18
CA GLU A 116 -18.08 -15.93 10.02
C GLU A 116 -17.85 -14.47 10.41
N ASP A 117 -18.69 -13.94 11.32
CA ASP A 117 -18.50 -12.57 11.80
C ASP A 117 -17.16 -12.41 12.54
N GLN A 118 -16.78 -13.39 13.36
CA GLN A 118 -15.52 -13.27 14.10
C GLN A 118 -14.33 -13.26 13.17
N VAL A 119 -14.36 -14.08 12.11
CA VAL A 119 -13.25 -14.09 11.17
C VAL A 119 -13.17 -12.76 10.42
N LEU A 120 -14.33 -12.20 10.05
CA LEU A 120 -14.33 -10.87 9.42
C LEU A 120 -13.65 -9.83 10.33
N ARG A 121 -14.02 -9.80 11.61
CA ARG A 121 -13.41 -8.83 12.52
C ARG A 121 -11.90 -9.05 12.70
N LYS A 122 -11.45 -10.31 12.68
CA LYS A 122 -10.01 -10.56 12.75
C LYS A 122 -9.30 -10.10 11.48
N LEU A 123 -9.96 -10.28 10.34
CA LEU A 123 -9.38 -9.86 9.07
C LEU A 123 -9.16 -8.37 9.05
N VAL A 124 -10.20 -7.61 9.40
CA VAL A 124 -10.09 -6.15 9.42
C VAL A 124 -9.00 -5.71 10.39
N ASP A 125 -8.88 -6.37 11.54
CA ASP A 125 -7.86 -6.00 12.49
C ASP A 125 -6.45 -6.28 11.95
N LEU A 126 -6.28 -7.30 11.11
CA LEU A 126 -4.99 -7.57 10.52
C LEU A 126 -4.60 -6.49 9.51
N VAL A 127 -5.57 -5.98 8.75
CA VAL A 127 -5.30 -4.82 7.91
C VAL A 127 -4.90 -3.62 8.77
N ASN A 128 -5.55 -3.44 9.90
CA ASN A 128 -5.17 -2.34 10.78
C ASN A 128 -3.77 -2.54 11.36
N GLN A 129 -3.37 -3.79 11.60
CA GLN A 129 -2.01 -4.06 12.04
C GLN A 129 -1.00 -3.74 10.95
N ARG A 130 -1.31 -4.10 9.71
CA ARG A 130 -0.44 -3.71 8.60
C ARG A 130 -0.35 -2.19 8.51
N ASP A 131 -1.46 -1.49 8.72
CA ASP A 131 -1.46 -0.03 8.70
C ASP A 131 -0.60 0.54 9.83
N ALA A 132 -0.63 -0.06 11.02
CA ALA A 132 0.20 0.42 12.12
C ALA A 132 1.69 0.33 11.77
N LEU A 133 2.06 -0.67 10.97
CA LEU A 133 3.44 -0.78 10.51
C LEU A 133 3.80 0.35 9.57
N ILE A 134 2.88 0.75 8.69
CA ILE A 134 3.10 1.93 7.86
C ILE A 134 3.33 3.16 8.75
N ARG A 135 2.49 3.33 9.78
CA ARG A 135 2.65 4.51 10.63
C ARG A 135 3.94 4.45 11.46
N PHE A 136 4.39 3.24 11.85
CA PHE A 136 5.69 3.13 12.52
C PHE A 136 6.82 3.63 11.62
N GLN A 137 6.79 3.27 10.33
CA GLN A 137 7.81 3.75 9.41
C GLN A 137 7.74 5.26 9.24
N GLU A 138 6.52 5.82 9.16
CA GLU A 138 6.40 7.27 9.01
C GLU A 138 6.97 8.00 10.23
N GLU A 139 6.68 7.53 11.44
CA GLU A 139 7.22 8.21 12.62
C GLU A 139 8.74 8.05 12.76
N ARG A 140 9.30 6.93 12.27
CA ARG A 140 10.76 6.83 12.24
C ARG A 140 11.36 7.75 11.20
N ARG A 141 10.68 7.94 10.06
CA ARG A 141 11.17 8.90 9.06
C ARG A 141 11.21 10.31 9.64
N LEU A 142 10.14 10.74 10.29
CA LEU A 142 10.14 12.04 10.96
C LEU A 142 11.22 12.09 12.03
N SER A 143 11.42 10.97 12.73
CA SER A 143 12.41 10.94 13.80
C SER A 143 13.84 11.03 13.26
N GLU A 144 14.14 10.26 12.20
CA GLU A 144 15.50 10.24 11.67
C GLU A 144 15.89 11.56 11.01
N LEU A 145 14.92 12.35 10.56
CA LEU A 145 15.27 13.68 10.05
C LEU A 145 15.75 14.61 11.15
N ALA A 146 15.25 14.47 12.38
CA ALA A 146 15.71 15.29 13.49
C ALA A 146 17.21 15.12 13.70
N LEU A 147 17.99 16.12 13.26
CA LEU A 147 19.45 16.06 13.08
C LEU A 147 20.00 14.63 13.00
N THR B 7 13.75 6.79 3.44
CA THR B 7 14.07 6.48 2.06
C THR B 7 13.01 7.04 1.12
N TYR B 8 11.93 7.56 1.69
CA TYR B 8 10.88 8.25 0.95
C TYR B 8 10.65 9.59 1.61
N ASP B 9 10.13 10.56 0.85
CA ASP B 9 9.94 11.90 1.38
C ASP B 9 8.56 12.15 2.01
N LEU B 10 7.49 11.67 1.37
CA LEU B 10 6.14 11.97 1.80
C LEU B 10 5.27 10.73 1.67
N LEU B 11 4.31 10.61 2.59
CA LEU B 11 3.33 9.52 2.59
C LEU B 11 1.94 10.08 2.25
N PHE B 12 1.35 9.59 1.16
CA PHE B 12 -0.01 9.99 0.76
C PHE B 12 -0.97 8.81 0.91
N LYS B 13 -2.14 9.09 1.49
CA LYS B 13 -3.19 8.11 1.70
C LYS B 13 -4.28 8.32 0.66
N LEU B 14 -4.47 7.33 -0.22
CA LEU B 14 -5.51 7.36 -1.25
C LEU B 14 -6.58 6.31 -0.94
N LEU B 15 -7.75 6.45 -1.59
CA LEU B 15 -8.91 5.58 -1.32
C LEU B 15 -9.75 5.42 -2.60
N LEU B 16 -10.08 4.18 -2.95
CA LEU B 16 -10.95 3.89 -4.08
C LEU B 16 -12.32 3.44 -3.55
N ILE B 17 -13.39 4.04 -4.09
CA ILE B 17 -14.76 3.73 -3.71
C ILE B 17 -15.62 3.67 -4.98
N GLY B 18 -16.79 3.05 -4.84
CA GLY B 18 -17.67 2.78 -5.97
C GLY B 18 -18.32 1.41 -5.87
N ASP B 19 -19.34 1.16 -6.69
CA ASP B 19 -20.13 -0.07 -6.58
C ASP B 19 -19.25 -1.30 -6.81
N SER B 20 -19.70 -2.44 -6.27
CA SER B 20 -18.99 -3.69 -6.51
C SER B 20 -19.02 -4.02 -8.00
N GLY B 21 -17.89 -4.51 -8.51
CA GLY B 21 -17.77 -4.92 -9.90
C GLY B 21 -17.32 -3.85 -10.88
N VAL B 22 -17.04 -2.62 -10.45
CA VAL B 22 -16.67 -1.59 -11.42
C VAL B 22 -15.19 -1.67 -11.81
N GLY B 23 -14.37 -2.34 -11.01
CA GLY B 23 -12.99 -2.59 -11.39
C GLY B 23 -12.00 -1.89 -10.50
N LYS B 24 -12.41 -1.62 -9.26
CA LYS B 24 -11.58 -0.88 -8.33
C LYS B 24 -10.28 -1.62 -8.05
N THR B 25 -10.39 -2.90 -7.69
CA THR B 25 -9.20 -3.72 -7.43
C THR B 25 -8.34 -3.89 -8.68
N CYS B 26 -8.96 -4.03 -9.85
CA CYS B 26 -8.18 -4.16 -11.08
C CYS B 26 -7.43 -2.86 -11.41
N VAL B 27 -8.08 -1.72 -11.23
CA VAL B 27 -7.44 -0.43 -11.48
C VAL B 27 -6.18 -0.30 -10.62
N LEU B 28 -6.25 -0.77 -9.37
CA LEU B 28 -5.10 -0.71 -8.47
C LEU B 28 -4.03 -1.72 -8.88
N PHE B 29 -4.45 -2.94 -9.22
CA PHE B 29 -3.48 -3.95 -9.63
C PHE B 29 -2.72 -3.55 -10.90
N ARG B 30 -3.39 -2.85 -11.83
CA ARG B 30 -2.67 -2.36 -13.01
C ARG B 30 -1.63 -1.30 -12.61
N PHE B 31 -1.98 -0.39 -11.69
CA PHE B 31 -1.05 0.65 -11.28
C PHE B 31 0.15 0.07 -10.53
N SER B 32 -0.08 -0.93 -9.66
CA SER B 32 0.98 -1.41 -8.77
C SER B 32 1.76 -2.60 -9.32
N ASP B 33 1.29 -3.26 -10.38
CA ASP B 33 1.97 -4.45 -10.88
C ASP B 33 1.95 -4.57 -12.40
N ASP B 34 1.43 -3.58 -13.14
CA ASP B 34 1.31 -3.60 -14.59
C ASP B 34 0.79 -4.93 -15.13
N ALA B 35 -0.21 -5.51 -14.46
CA ALA B 35 -0.83 -6.74 -14.93
C ALA B 35 -2.35 -6.61 -14.77
N PHE B 36 -3.08 -7.56 -15.37
CA PHE B 36 -4.53 -7.63 -15.33
C PHE B 36 -4.95 -9.07 -15.15
N ASN B 37 -5.96 -9.28 -14.31
CA ASN B 37 -6.53 -10.60 -14.05
C ASN B 37 -8.02 -10.56 -14.35
N THR B 38 -8.49 -11.50 -15.18
CA THR B 38 -9.87 -11.47 -15.62
C THR B 38 -10.84 -12.02 -14.58
N THR B 39 -10.38 -12.87 -13.67
CA THR B 39 -11.27 -13.50 -12.70
C THR B 39 -11.73 -12.49 -11.66
N PHE B 40 -13.03 -12.49 -11.39
CA PHE B 40 -13.63 -11.62 -10.37
C PHE B 40 -13.40 -12.26 -9.00
N ILE B 41 -12.55 -11.65 -8.17
CA ILE B 41 -12.40 -12.01 -6.77
C ILE B 41 -12.84 -10.80 -5.97
N SER B 42 -14.02 -10.88 -5.36
CA SER B 42 -14.62 -9.74 -4.69
C SER B 42 -13.86 -9.38 -3.43
N THR B 43 -13.64 -8.08 -3.22
CA THR B 43 -12.87 -7.61 -2.07
C THR B 43 -13.69 -7.78 -0.79
N ILE B 44 -13.07 -8.33 0.24
CA ILE B 44 -13.72 -8.59 1.51
C ILE B 44 -13.35 -7.49 2.49
N GLY B 45 -14.30 -6.58 2.77
CA GLY B 45 -14.11 -5.59 3.80
C GLY B 45 -13.31 -4.39 3.36
N ILE B 46 -11.98 -4.53 3.42
CA ILE B 46 -11.10 -3.43 3.11
C ILE B 46 -9.68 -4.00 2.92
N ASP B 47 -8.87 -3.29 2.13
CA ASP B 47 -7.47 -3.66 1.89
C ASP B 47 -6.68 -2.41 1.52
N PHE B 48 -5.35 -2.55 1.48
CA PHE B 48 -4.50 -1.49 0.92
C PHE B 48 -3.23 -2.07 0.31
N LYS B 49 -2.66 -1.31 -0.63
CA LYS B 49 -1.37 -1.61 -1.25
C LYS B 49 -0.49 -0.37 -1.18
N ILE B 50 0.82 -0.60 -1.29
CA ILE B 50 1.84 0.45 -1.26
C ILE B 50 2.46 0.55 -2.65
N LYS B 51 2.62 1.78 -3.14
CA LYS B 51 3.37 2.06 -4.37
C LYS B 51 4.13 3.37 -4.21
N THR B 52 5.44 3.35 -4.43
CA THR B 52 6.26 4.55 -4.32
C THR B 52 6.51 5.13 -5.71
N VAL B 53 6.26 6.44 -5.84
CA VAL B 53 6.43 7.15 -7.11
C VAL B 53 7.32 8.36 -6.91
N GLU B 54 7.88 8.85 -8.01
CA GLU B 54 8.73 10.04 -8.01
C GLU B 54 8.01 11.17 -8.73
N LEU B 55 7.76 12.25 -8.01
CA LEU B 55 7.06 13.42 -8.53
C LEU B 55 7.81 14.67 -8.12
N GLN B 56 8.21 15.47 -9.11
CA GLN B 56 8.93 16.72 -8.87
C GLN B 56 10.12 16.51 -7.93
N GLY B 57 10.93 15.50 -8.25
CA GLY B 57 12.09 15.20 -7.46
C GLY B 57 11.83 14.70 -6.06
N LYS B 58 10.59 14.32 -5.75
CA LYS B 58 10.24 13.76 -4.44
C LYS B 58 9.81 12.31 -4.60
N LYS B 59 10.30 11.44 -3.71
CA LYS B 59 9.83 10.07 -3.62
C LYS B 59 8.59 10.07 -2.72
N ILE B 60 7.45 9.74 -3.30
CA ILE B 60 6.19 9.78 -2.56
C ILE B 60 5.70 8.35 -2.36
N LYS B 61 5.44 8.01 -1.11
CA LYS B 61 4.92 6.70 -0.75
C LYS B 61 3.40 6.76 -0.77
N LEU B 62 2.78 6.05 -1.71
CA LEU B 62 1.32 6.02 -1.80
C LEU B 62 0.79 4.79 -1.07
N GLN B 63 -0.02 5.02 -0.03
CA GLN B 63 -0.81 3.97 0.61
C GLN B 63 -2.24 4.04 0.06
N ILE B 64 -2.58 3.09 -0.80
CA ILE B 64 -3.82 3.15 -1.58
C ILE B 64 -4.80 2.15 -1.01
N TRP B 65 -5.84 2.68 -0.34
CA TRP B 65 -6.87 1.89 0.30
C TRP B 65 -7.94 1.47 -0.71
N ASP B 66 -8.28 0.19 -0.69
CA ASP B 66 -9.17 -0.43 -1.65
C ASP B 66 -10.37 -0.97 -0.88
N THR B 67 -11.56 -0.40 -1.13
CA THR B 67 -12.74 -0.75 -0.36
C THR B 67 -13.58 -1.80 -1.08
N ALA B 68 -14.31 -2.56 -0.29
CA ALA B 68 -15.33 -3.46 -0.82
C ALA B 68 -16.53 -2.64 -1.26
N GLY B 69 -16.97 -2.86 -2.50
CA GLY B 69 -18.15 -2.16 -2.96
C GLY B 69 -19.48 -2.76 -2.52
N GLN B 70 -19.47 -3.99 -1.98
CA GLN B 70 -20.72 -4.62 -1.54
C GLN B 70 -21.26 -3.97 -0.28
N GLU B 71 -22.59 -3.79 -0.24
CA GLU B 71 -23.21 -2.96 0.79
C GLU B 71 -23.07 -3.54 2.20
N ARG B 72 -22.94 -4.87 2.34
CA ARG B 72 -22.74 -5.45 3.66
C ARG B 72 -21.49 -4.93 4.36
N PHE B 73 -20.50 -4.46 3.59
CA PHE B 73 -19.24 -3.97 4.13
C PHE B 73 -19.23 -2.46 4.32
N HIS B 74 -20.40 -1.82 4.28
CA HIS B 74 -20.44 -0.35 4.19
C HIS B 74 -19.93 0.29 5.46
N THR B 75 -20.40 -0.16 6.62
CA THR B 75 -19.97 0.46 7.85
C THR B 75 -18.48 0.25 8.09
N ILE B 76 -17.92 -0.85 7.59
CA ILE B 76 -16.47 -1.05 7.68
C ILE B 76 -15.74 -0.02 6.84
N THR B 77 -16.18 0.17 5.60
CA THR B 77 -15.47 1.08 4.71
C THR B 77 -15.53 2.53 5.18
N THR B 78 -16.63 2.93 5.84
CA THR B 78 -16.80 4.35 6.18
C THR B 78 -15.80 4.85 7.21
N SER B 79 -15.17 3.96 7.99
CA SER B 79 -14.18 4.39 8.97
C SER B 79 -12.83 4.72 8.34
N TYR B 80 -12.66 4.51 7.04
CA TYR B 80 -11.40 4.79 6.36
C TYR B 80 -11.46 6.05 5.52
N TYR B 81 -12.64 6.68 5.41
CA TYR B 81 -12.76 7.92 4.65
C TYR B 81 -11.96 9.05 5.29
N ARG B 82 -11.97 9.14 6.63
CA ARG B 82 -11.50 10.36 7.27
C ARG B 82 -9.99 10.56 7.09
N GLY B 83 -9.23 9.46 7.05
CA GLY B 83 -7.81 9.56 6.80
C GLY B 83 -7.42 9.87 5.37
N ALA B 84 -8.32 9.72 4.41
CA ALA B 84 -7.93 9.83 3.00
C ALA B 84 -7.55 11.27 2.63
N MET B 85 -6.50 11.41 1.83
CA MET B 85 -6.16 12.70 1.23
C MET B 85 -6.66 12.82 -0.21
N GLY B 86 -6.82 11.71 -0.90
CA GLY B 86 -7.49 11.72 -2.20
C GLY B 86 -8.37 10.50 -2.32
N ILE B 87 -9.46 10.66 -3.09
CA ILE B 87 -10.48 9.62 -3.25
C ILE B 87 -10.81 9.50 -4.74
N MET B 88 -10.60 8.32 -5.29
CA MET B 88 -11.10 7.97 -6.62
C MET B 88 -12.49 7.36 -6.50
N LEU B 89 -13.48 7.98 -7.14
CA LEU B 89 -14.83 7.43 -7.27
C LEU B 89 -14.92 6.75 -8.64
N VAL B 90 -15.24 5.46 -8.64
CA VAL B 90 -15.12 4.63 -9.82
C VAL B 90 -16.51 4.13 -10.20
N TYR B 91 -16.87 4.28 -11.46
CA TYR B 91 -18.01 3.58 -12.01
C TYR B 91 -17.57 2.86 -13.26
N ASP B 92 -18.48 2.07 -13.80
CA ASP B 92 -18.26 1.20 -14.95
C ASP B 92 -19.06 1.77 -16.11
N ILE B 93 -18.39 2.03 -17.24
CA ILE B 93 -19.09 2.67 -18.35
C ILE B 93 -20.11 1.76 -19.02
N THR B 94 -20.09 0.46 -18.74
CA THR B 94 -21.10 -0.44 -19.26
C THR B 94 -22.22 -0.73 -18.26
N ASN B 95 -22.13 -0.20 -17.05
CA ASN B 95 -23.11 -0.45 -16.00
C ASN B 95 -23.79 0.86 -15.65
N GLY B 96 -25.04 1.00 -16.11
CA GLY B 96 -25.76 2.25 -15.90
C GLY B 96 -25.93 2.60 -14.44
N LYS B 97 -26.32 1.62 -13.62
CA LYS B 97 -26.57 1.90 -12.20
C LYS B 97 -25.29 2.27 -11.45
N SER B 98 -24.13 1.74 -11.86
CA SER B 98 -22.90 2.16 -11.21
C SER B 98 -22.70 3.66 -11.28
N PHE B 99 -23.13 4.29 -12.39
CA PHE B 99 -22.93 5.73 -12.55
C PHE B 99 -24.01 6.54 -11.84
N GLU B 100 -25.27 6.07 -11.88
CA GLU B 100 -26.31 6.76 -11.14
C GLU B 100 -26.02 6.74 -9.65
N ASN B 101 -25.30 5.72 -9.16
CA ASN B 101 -24.86 5.70 -7.77
C ASN B 101 -23.69 6.64 -7.46
N ILE B 102 -23.12 7.33 -8.45
CA ILE B 102 -22.03 8.26 -8.13
C ILE B 102 -22.53 9.36 -7.19
N SER B 103 -23.78 9.80 -7.36
CA SER B 103 -24.36 10.79 -6.46
C SER B 103 -24.30 10.34 -5.00
N LYS B 104 -24.64 9.07 -4.73
CA LYS B 104 -24.60 8.57 -3.36
C LYS B 104 -23.16 8.48 -2.83
N TRP B 105 -22.24 8.02 -3.67
CA TRP B 105 -20.84 7.94 -3.21
C TRP B 105 -20.28 9.31 -2.91
N LEU B 106 -20.68 10.32 -3.68
CA LEU B 106 -20.30 11.70 -3.39
C LEU B 106 -20.87 12.17 -2.06
N ARG B 107 -22.09 11.73 -1.73
CA ARG B 107 -22.68 12.07 -0.44
C ARG B 107 -21.94 11.42 0.72
N ASN B 108 -21.54 10.15 0.57
CA ASN B 108 -20.70 9.51 1.58
C ASN B 108 -19.41 10.30 1.83
N ILE B 109 -18.79 10.83 0.78
CA ILE B 109 -17.57 11.63 0.97
C ILE B 109 -17.89 12.90 1.75
N ASP B 110 -18.98 13.60 1.35
CA ASP B 110 -19.44 14.76 2.11
C ASP B 110 -19.60 14.45 3.59
N GLU B 111 -20.02 13.23 3.91
CA GLU B 111 -20.40 12.88 5.27
C GLU B 111 -19.21 12.39 6.10
N HIS B 112 -18.37 11.53 5.52
CA HIS B 112 -17.36 10.84 6.30
C HIS B 112 -15.94 11.37 6.07
N ALA B 113 -15.69 12.11 5.01
CA ALA B 113 -14.33 12.48 4.63
C ALA B 113 -13.98 13.89 5.06
N ASN B 114 -12.68 14.14 5.19
CA ASN B 114 -12.16 15.48 5.45
C ASN B 114 -12.70 16.47 4.42
N GLU B 115 -12.95 17.70 4.87
CA GLU B 115 -13.61 18.69 4.02
C GLU B 115 -12.77 19.08 2.81
N ASP B 116 -11.44 18.99 2.90
CA ASP B 116 -10.54 19.38 1.83
C ASP B 116 -9.97 18.20 1.06
N VAL B 117 -10.70 17.07 1.01
CA VAL B 117 -10.19 15.91 0.29
C VAL B 117 -10.23 16.16 -1.20
N GLU B 118 -9.18 15.71 -1.91
CA GLU B 118 -9.18 15.73 -3.37
C GLU B 118 -10.06 14.58 -3.88
N ARG B 119 -10.97 14.90 -4.80
CA ARG B 119 -11.88 13.89 -5.36
C ARG B 119 -11.68 13.80 -6.87
N MET B 120 -11.70 12.59 -7.39
CA MET B 120 -11.49 12.34 -8.82
C MET B 120 -12.42 11.23 -9.29
N LEU B 121 -13.06 11.44 -10.45
CA LEU B 121 -14.05 10.51 -11.00
C LEU B 121 -13.44 9.68 -12.13
N LEU B 122 -13.53 8.35 -12.03
CA LEU B 122 -13.00 7.44 -13.05
C LEU B 122 -14.14 6.63 -13.66
N GLY B 123 -14.31 6.73 -14.97
CA GLY B 123 -15.16 5.81 -15.70
C GLY B 123 -14.41 4.63 -16.26
N ASN B 124 -14.38 3.53 -15.52
CA ASN B 124 -13.56 2.38 -15.87
C ASN B 124 -14.22 1.52 -16.95
N LYS B 125 -13.45 0.57 -17.48
CA LYS B 125 -13.85 -0.35 -18.54
C LYS B 125 -14.08 0.38 -19.87
N CYS B 126 -13.32 1.45 -20.12
CA CYS B 126 -13.46 2.20 -21.37
C CYS B 126 -13.02 1.40 -22.60
N ASP B 127 -12.57 0.15 -22.45
CA ASP B 127 -12.29 -0.72 -23.58
C ASP B 127 -13.53 -1.39 -24.16
N MET B 128 -14.67 -1.30 -23.48
CA MET B 128 -15.90 -1.94 -23.95
C MET B 128 -16.84 -0.89 -24.53
N ASP B 129 -16.33 -0.17 -25.53
CA ASP B 129 -17.14 0.82 -26.23
C ASP B 129 -18.39 0.19 -26.83
N ASP B 130 -18.22 -0.99 -27.43
CA ASP B 130 -19.34 -1.76 -27.96
C ASP B 130 -20.50 -1.90 -26.97
N LYS B 131 -20.20 -1.98 -25.68
CA LYS B 131 -21.22 -2.18 -24.65
C LYS B 131 -21.42 -0.96 -23.75
N ARG B 132 -20.95 0.21 -24.18
CA ARG B 132 -21.14 1.43 -23.39
C ARG B 132 -22.62 1.73 -23.17
N VAL B 133 -22.95 2.19 -21.96
CA VAL B 133 -24.27 2.69 -21.62
C VAL B 133 -24.15 4.15 -21.17
N VAL B 134 -23.05 4.49 -20.54
CA VAL B 134 -22.82 5.82 -19.98
C VAL B 134 -21.97 6.62 -21.00
N PRO B 135 -22.53 7.65 -21.63
CA PRO B 135 -21.72 8.46 -22.55
C PRO B 135 -20.66 9.25 -21.80
N LYS B 136 -19.48 9.36 -22.43
CA LYS B 136 -18.37 10.11 -21.84
C LYS B 136 -18.77 11.51 -21.41
N GLY B 137 -19.77 12.11 -22.08
CA GLY B 137 -20.18 13.46 -21.75
C GLY B 137 -20.95 13.58 -20.45
N LYS B 138 -21.67 12.54 -20.04
CA LYS B 138 -22.33 12.55 -18.73
C LYS B 138 -21.29 12.56 -17.61
N GLY B 139 -20.30 11.68 -17.70
CA GLY B 139 -19.16 11.76 -16.79
C GLY B 139 -18.53 13.13 -16.76
N GLU B 140 -18.21 13.69 -17.94
CA GLU B 140 -17.63 15.03 -18.02
C GLU B 140 -18.51 16.06 -17.32
N GLN B 141 -19.83 15.93 -17.49
CA GLN B 141 -20.72 16.97 -17.02
C GLN B 141 -20.88 16.90 -15.50
N ILE B 142 -20.93 15.69 -14.92
CA ILE B 142 -21.06 15.59 -13.48
C ILE B 142 -19.77 16.01 -12.78
N ALA B 143 -18.61 15.70 -13.38
CA ALA B 143 -17.34 16.19 -12.82
C ALA B 143 -17.32 17.72 -12.84
N ARG B 144 -17.77 18.32 -13.94
CA ARG B 144 -17.79 19.78 -14.03
C ARG B 144 -18.71 20.39 -12.99
N GLU B 145 -19.86 19.75 -12.73
CA GLU B 145 -20.81 20.24 -11.73
C GLU B 145 -20.20 20.26 -10.33
N HIS B 146 -19.31 19.31 -10.02
CA HIS B 146 -18.65 19.25 -8.72
C HIS B 146 -17.24 19.83 -8.76
N GLY B 147 -16.77 20.24 -9.94
CA GLY B 147 -15.47 20.85 -10.08
C GLY B 147 -14.37 19.89 -9.70
N ILE B 148 -14.39 18.69 -10.29
CA ILE B 148 -13.39 17.67 -10.02
C ILE B 148 -12.93 17.10 -11.36
N ARG B 149 -11.78 16.45 -11.32
CA ARG B 149 -11.25 15.83 -12.53
C ARG B 149 -11.98 14.54 -12.85
N PHE B 150 -11.96 14.18 -14.14
CA PHE B 150 -12.59 12.98 -14.65
C PHE B 150 -11.70 12.37 -15.73
N PHE B 151 -11.44 11.07 -15.63
CA PHE B 151 -10.81 10.27 -16.68
C PHE B 151 -11.65 9.03 -16.98
N GLU B 152 -11.69 8.61 -18.24
CA GLU B 152 -12.19 7.28 -18.60
C GLU B 152 -11.00 6.33 -18.65
N THR B 153 -11.13 5.20 -17.96
CA THR B 153 -9.99 4.32 -17.74
C THR B 153 -10.26 2.90 -18.22
N SER B 154 -9.19 2.15 -18.40
CA SER B 154 -9.30 0.72 -18.63
C SER B 154 -8.15 0.02 -17.94
N ALA B 155 -8.48 -0.84 -16.97
CA ALA B 155 -7.45 -1.67 -16.34
C ALA B 155 -6.99 -2.80 -17.27
N LYS B 156 -7.86 -3.24 -18.18
CA LYS B 156 -7.50 -4.32 -19.09
C LYS B 156 -6.49 -3.86 -20.15
N ALA B 157 -6.76 -2.72 -20.76
CA ALA B 157 -5.92 -2.20 -21.84
C ALA B 157 -4.88 -1.19 -21.36
N ASN B 158 -4.83 -0.89 -20.06
CA ASN B 158 -3.87 0.06 -19.48
C ASN B 158 -4.02 1.45 -20.12
N ILE B 159 -5.22 2.00 -20.00
CA ILE B 159 -5.56 3.31 -20.52
C ILE B 159 -5.82 4.24 -19.35
N ASN B 160 -4.97 5.26 -19.19
CA ASN B 160 -5.14 6.37 -18.25
C ASN B 160 -5.01 5.94 -16.79
N ILE B 161 -4.45 4.76 -16.52
CA ILE B 161 -4.32 4.30 -15.14
C ILE B 161 -3.21 5.07 -14.43
N GLU B 162 -1.99 5.01 -14.97
CA GLU B 162 -0.91 5.77 -14.37
C GLU B 162 -1.26 7.25 -14.31
N LYS B 163 -1.83 7.78 -15.39
CA LYS B 163 -2.14 9.21 -15.44
C LYS B 163 -3.11 9.61 -14.33
N ALA B 164 -4.14 8.79 -14.07
CA ALA B 164 -5.10 9.15 -13.02
C ALA B 164 -4.42 9.23 -11.66
N PHE B 165 -3.67 8.19 -11.29
CA PHE B 165 -3.06 8.16 -9.97
C PHE B 165 -2.04 9.29 -9.80
N LEU B 166 -1.22 9.54 -10.82
CA LEU B 166 -0.18 10.55 -10.65
C LEU B 166 -0.77 11.97 -10.68
N THR B 167 -1.85 12.17 -11.43
CA THR B 167 -2.54 13.45 -11.42
C THR B 167 -3.12 13.76 -10.05
N LEU B 168 -3.73 12.76 -9.40
CA LEU B 168 -4.28 12.94 -8.05
C LEU B 168 -3.17 13.18 -7.03
N ALA B 169 -2.08 12.43 -7.13
CA ALA B 169 -0.92 12.64 -6.25
C ALA B 169 -0.33 14.05 -6.43
N GLU B 170 -0.27 14.55 -7.67
CA GLU B 170 0.19 15.92 -7.88
C GLU B 170 -0.74 16.98 -7.29
N ASP B 171 -2.06 16.71 -7.25
CA ASP B 171 -2.97 17.67 -6.62
C ASP B 171 -2.79 17.69 -5.11
N ILE B 172 -2.55 16.53 -4.50
CA ILE B 172 -2.24 16.50 -3.08
C ILE B 172 -0.91 17.21 -2.82
N LEU B 173 0.10 16.91 -3.64
CA LEU B 173 1.42 17.51 -3.45
C LEU B 173 1.37 19.03 -3.60
N ARG B 174 0.62 19.52 -4.59
CA ARG B 174 0.59 20.96 -4.88
C ARG B 174 0.06 21.78 -3.71
N LYS B 175 -0.75 21.19 -2.82
CA LYS B 175 -1.20 21.88 -1.62
C LYS B 175 -0.45 21.44 -0.37
N THR B 176 0.61 20.66 -0.51
CA THR B 176 1.32 20.16 0.67
C THR B 176 1.99 21.24 1.51
N PRO B 177 2.48 22.38 0.96
CA PRO B 177 3.12 23.29 1.92
C PRO B 177 2.12 24.27 2.53
#